data_2IZ8
#
_entry.id   2IZ8
#
_cell.length_a   288.000
_cell.length_b   288.000
_cell.length_c   653.000
_cell.angle_alpha   90.00
_cell.angle_beta   90.00
_cell.angle_gamma   120.00
#
_symmetry.space_group_name_H-M   'H 3 2'
#
loop_
_entity.id
_entity.type
_entity.pdbx_description
1 polymer 'MS2 COAT PROTEIN'
2 polymer "RNA, (5'-R(*AP*CP*AP*UP*GP*AP*GP*GP*CP*UP*CP* AP*CP*CP*CP*AP*UP*GP*U)-3')"
#
loop_
_entity_poly.entity_id
_entity_poly.type
_entity_poly.pdbx_seq_one_letter_code
_entity_poly.pdbx_strand_id
1 'polypeptide(L)'
;ASNFTQFVLVDNGGTGDVTVAPSNFANGVAEWISSNSRSQAYKVTCSVRQSSAQNRKYTIKVEVPKVATQTVGGVELPVA
AWRSYLNMELTIPIFATNSDCELIVKAMQGLLKDGNPIPSAIAANSGIY
;
A,B,C
2 'polyribonucleotide' ACAUGAGGCUCACCCAUGU R,S
#
# COMPACT_ATOMS: atom_id res chain seq x y z
N ALA A 1 9.34 -4.29 16.15
CA ALA A 1 8.31 -4.44 15.06
C ALA A 1 8.31 -3.31 14.00
N SER A 2 7.33 -3.41 13.11
CA SER A 2 7.08 -2.51 11.98
C SER A 2 6.22 -3.43 11.14
N ASN A 3 5.06 -2.98 10.72
CA ASN A 3 4.23 -3.87 9.95
C ASN A 3 4.40 -3.66 8.46
N PHE A 4 5.20 -2.66 8.09
CA PHE A 4 5.39 -2.41 6.68
C PHE A 4 6.34 -3.45 6.11
N THR A 5 5.85 -4.67 5.95
CA THR A 5 6.64 -5.77 5.42
C THR A 5 6.05 -6.36 4.16
N GLN A 6 6.80 -7.22 3.47
CA GLN A 6 6.30 -7.83 2.26
C GLN A 6 5.37 -8.97 2.65
N PHE A 7 4.55 -9.43 1.72
CA PHE A 7 3.63 -10.52 2.01
C PHE A 7 3.11 -11.15 0.74
N VAL A 8 2.51 -12.32 0.88
CA VAL A 8 1.98 -13.04 -0.26
C VAL A 8 0.59 -12.57 -0.61
N LEU A 9 0.43 -11.95 -1.77
CA LEU A 9 -0.87 -11.45 -2.21
C LEU A 9 -1.67 -12.59 -2.84
N VAL A 10 -1.04 -13.40 -3.67
CA VAL A 10 -1.72 -14.52 -4.31
C VAL A 10 -0.99 -15.80 -3.96
N ASP A 11 -1.63 -16.67 -3.19
CA ASP A 11 -1.00 -17.91 -2.79
C ASP A 11 -1.24 -19.11 -3.71
N ASN A 12 -0.17 -19.56 -4.38
CA ASN A 12 -0.25 -20.71 -5.27
C ASN A 12 0.65 -21.87 -4.82
N GLY A 13 0.45 -22.32 -3.58
CA GLY A 13 1.24 -23.40 -3.02
C GLY A 13 2.74 -23.21 -3.21
N GLY A 14 3.25 -22.07 -2.74
CA GLY A 14 4.68 -21.77 -2.87
C GLY A 14 5.33 -21.85 -4.25
N THR A 15 4.52 -21.81 -5.32
CA THR A 15 5.05 -21.90 -6.69
C THR A 15 4.16 -21.16 -7.69
N GLY A 16 4.57 -19.92 -8.00
CA GLY A 16 3.81 -19.08 -8.91
C GLY A 16 3.06 -18.08 -8.03
N ASP A 17 3.51 -18.03 -6.78
CA ASP A 17 2.96 -17.15 -5.76
C ASP A 17 3.28 -15.70 -6.10
N VAL A 18 2.28 -14.83 -6.07
CA VAL A 18 2.52 -13.42 -6.33
C VAL A 18 2.79 -12.79 -4.99
N THR A 19 4.06 -12.51 -4.73
CA THR A 19 4.46 -11.91 -3.48
C THR A 19 4.73 -10.41 -3.73
N VAL A 20 4.13 -9.59 -2.88
CA VAL A 20 4.21 -8.15 -2.97
C VAL A 20 5.11 -7.58 -1.86
N ALA A 21 5.84 -6.51 -2.14
CA ALA A 21 6.73 -5.91 -1.14
C ALA A 21 6.59 -4.39 -1.05
N PRO A 22 7.05 -3.80 0.07
CA PRO A 22 6.98 -2.36 0.30
C PRO A 22 7.75 -1.65 -0.76
N SER A 23 7.21 -0.54 -1.26
CA SER A 23 7.90 0.18 -2.31
C SER A 23 7.82 1.68 -2.17
N ASN A 24 6.98 2.18 -1.27
CA ASN A 24 6.87 3.62 -1.15
C ASN A 24 5.92 4.05 -0.05
N PHE A 25 6.31 5.04 0.73
CA PHE A 25 5.45 5.52 1.81
C PHE A 25 5.33 7.04 1.73
N ALA A 26 5.50 7.56 0.52
CA ALA A 26 5.43 9.01 0.30
C ALA A 26 4.00 9.50 0.36
N ASN A 27 3.81 10.60 1.10
CA ASN A 27 2.50 11.21 1.26
C ASN A 27 1.51 10.48 2.16
N GLY A 28 2.04 9.66 3.07
CA GLY A 28 1.18 8.94 3.98
C GLY A 28 0.41 7.79 3.35
N VAL A 29 0.79 7.41 2.14
CA VAL A 29 0.14 6.31 1.45
C VAL A 29 1.13 5.19 1.31
N ALA A 30 0.97 4.15 2.12
CA ALA A 30 1.88 3.02 2.05
C ALA A 30 1.62 2.28 0.74
N GLU A 31 2.67 1.84 0.07
CA GLU A 31 2.53 1.15 -1.21
C GLU A 31 3.35 -0.12 -1.28
N TRP A 32 2.80 -1.12 -1.95
CA TRP A 32 3.46 -2.40 -2.13
C TRP A 32 3.35 -2.73 -3.62
N ILE A 33 4.37 -3.32 -4.23
CA ILE A 33 4.25 -3.71 -5.63
C ILE A 33 4.97 -5.05 -5.81
N SER A 34 4.71 -5.74 -6.91
CA SER A 34 5.36 -7.02 -7.16
C SER A 34 6.64 -6.82 -7.97
N SER A 35 7.48 -7.86 -8.04
CA SER A 35 8.75 -7.78 -8.76
C SER A 35 8.62 -7.74 -10.28
N ASN A 36 7.83 -6.80 -10.78
CA ASN A 36 7.65 -6.70 -12.22
C ASN A 36 7.99 -5.30 -12.65
N SER A 37 7.86 -5.04 -13.94
CA SER A 37 8.11 -3.71 -14.43
C SER A 37 6.92 -2.96 -13.85
N ARG A 38 7.15 -1.72 -13.44
CA ARG A 38 6.11 -0.93 -12.86
C ARG A 38 4.85 -0.92 -13.74
N SER A 39 4.97 -1.38 -14.98
CA SER A 39 3.84 -1.40 -15.89
C SER A 39 3.04 -2.70 -15.85
N GLN A 40 3.58 -3.73 -15.22
CA GLN A 40 2.87 -5.00 -15.13
C GLN A 40 2.80 -5.45 -13.68
N ALA A 41 3.02 -4.54 -12.75
CA ALA A 41 3.03 -4.92 -11.36
C ALA A 41 1.69 -4.95 -10.65
N TYR A 42 1.61 -5.79 -9.63
CA TYR A 42 0.44 -5.88 -8.77
C TYR A 42 0.72 -4.70 -7.85
N LYS A 43 -0.30 -4.03 -7.39
CA LYS A 43 -0.07 -2.88 -6.56
C LYS A 43 -1.10 -2.86 -5.45
N VAL A 44 -0.65 -2.58 -4.23
CA VAL A 44 -1.55 -2.51 -3.10
C VAL A 44 -1.20 -1.22 -2.39
N THR A 45 -2.20 -0.41 -2.07
CA THR A 45 -1.93 0.83 -1.35
C THR A 45 -2.89 0.93 -0.19
N CYS A 46 -2.39 1.44 0.92
CA CYS A 46 -3.19 1.59 2.12
C CYS A 46 -2.88 2.90 2.81
N SER A 47 -3.89 3.46 3.47
CA SER A 47 -3.71 4.72 4.19
C SER A 47 -4.84 4.95 5.18
N VAL A 48 -4.51 5.48 6.35
CA VAL A 48 -5.49 5.75 7.40
C VAL A 48 -5.62 7.22 7.64
N ARG A 49 -6.85 7.67 7.81
CA ARG A 49 -7.12 9.09 8.04
C ARG A 49 -8.19 9.30 9.11
N GLN A 50 -8.01 10.33 9.92
CA GLN A 50 -8.96 10.66 10.98
C GLN A 50 -10.05 11.50 10.31
N SER A 51 -10.80 10.84 9.43
CA SER A 51 -11.89 11.44 8.64
C SER A 51 -12.80 12.44 9.37
N SER A 52 -13.40 11.97 10.46
CA SER A 52 -14.29 12.82 11.26
C SER A 52 -13.67 13.04 12.62
N ALA A 53 -14.42 13.75 13.44
CA ALA A 53 -14.00 14.03 14.81
C ALA A 53 -14.02 12.69 15.60
N GLN A 54 -14.99 11.83 15.26
CA GLN A 54 -15.13 10.54 15.95
C GLN A 54 -14.94 9.31 15.06
N ASN A 55 -14.25 9.44 13.93
CA ASN A 55 -14.04 8.31 13.03
C ASN A 55 -12.66 8.22 12.45
N ARG A 56 -12.34 7.03 11.97
CA ARG A 56 -11.08 6.80 11.33
C ARG A 56 -11.42 6.02 10.09
N LYS A 57 -10.73 6.31 9.01
CA LYS A 57 -11.08 5.66 7.77
C LYS A 57 -9.89 5.06 7.06
N TYR A 58 -9.91 3.76 6.86
CA TYR A 58 -8.83 3.09 6.15
C TYR A 58 -9.27 3.04 4.70
N THR A 59 -8.35 3.33 3.79
CA THR A 59 -8.64 3.29 2.36
C THR A 59 -7.62 2.35 1.76
N ILE A 60 -8.09 1.22 1.25
CA ILE A 60 -7.22 0.21 0.67
C ILE A 60 -7.55 0.06 -0.80
N LYS A 61 -6.52 -0.08 -1.64
CA LYS A 61 -6.71 -0.24 -3.07
C LYS A 61 -5.78 -1.33 -3.57
N VAL A 62 -6.30 -2.25 -4.39
CA VAL A 62 -5.51 -3.34 -4.95
C VAL A 62 -5.71 -3.42 -6.44
N GLU A 63 -4.63 -3.57 -7.21
CA GLU A 63 -4.72 -3.65 -8.66
C GLU A 63 -4.19 -4.99 -9.13
N VAL A 64 -5.00 -5.77 -9.84
CA VAL A 64 -4.56 -7.07 -10.35
C VAL A 64 -4.45 -6.93 -11.87
N PRO A 65 -3.24 -7.14 -12.43
CA PRO A 65 -3.10 -7.00 -13.88
C PRO A 65 -3.10 -8.28 -14.70
N LYS A 66 -3.47 -8.12 -15.97
CA LYS A 66 -3.47 -9.22 -16.91
C LYS A 66 -2.26 -8.91 -17.80
N VAL A 67 -1.12 -9.50 -17.47
CA VAL A 67 0.12 -9.26 -18.22
C VAL A 67 0.10 -9.72 -19.66
N ALA A 68 0.72 -8.91 -20.52
CA ALA A 68 0.79 -9.21 -21.94
C ALA A 68 2.03 -8.55 -22.55
N THR A 69 2.26 -8.82 -23.83
CA THR A 69 3.41 -8.25 -24.50
C THR A 69 2.97 -7.53 -25.77
N GLN A 70 2.71 -6.24 -25.66
CA GLN A 70 2.27 -5.46 -26.81
C GLN A 70 3.42 -5.09 -27.72
N THR A 71 3.13 -5.03 -29.02
CA THR A 71 4.13 -4.69 -30.04
C THR A 71 3.83 -3.32 -30.64
N VAL A 72 4.22 -2.29 -29.89
CA VAL A 72 4.02 -0.89 -30.27
C VAL A 72 5.17 -0.33 -31.11
N GLY A 73 4.85 0.35 -32.20
CA GLY A 73 5.90 0.90 -33.06
C GLY A 73 6.86 -0.20 -33.50
N GLY A 74 6.32 -1.41 -33.71
CA GLY A 74 7.15 -2.53 -34.14
C GLY A 74 8.20 -2.95 -33.13
N VAL A 75 7.92 -2.69 -31.85
CA VAL A 75 8.83 -3.03 -30.76
C VAL A 75 8.07 -3.71 -29.62
N GLU A 76 8.67 -4.76 -29.05
CA GLU A 76 8.03 -5.49 -27.95
C GLU A 76 8.18 -4.83 -26.57
N LEU A 77 7.04 -4.53 -25.93
CA LEU A 77 7.03 -3.92 -24.61
C LEU A 77 6.18 -4.71 -23.63
N PRO A 78 6.63 -4.85 -22.36
CA PRO A 78 5.86 -5.58 -21.36
C PRO A 78 4.77 -4.61 -20.94
N VAL A 79 3.53 -5.08 -20.96
CA VAL A 79 2.42 -4.20 -20.65
C VAL A 79 1.28 -4.97 -19.96
N ALA A 80 0.18 -4.28 -19.67
CA ALA A 80 -0.96 -4.90 -19.04
C ALA A 80 -2.17 -4.82 -19.97
N ALA A 81 -2.70 -5.97 -20.37
CA ALA A 81 -3.85 -6.01 -21.28
C ALA A 81 -5.04 -5.29 -20.65
N TRP A 82 -5.17 -5.45 -19.35
CA TRP A 82 -6.22 -4.78 -18.58
C TRP A 82 -5.93 -4.96 -17.09
N ARG A 83 -6.61 -4.16 -16.27
CA ARG A 83 -6.44 -4.24 -14.84
C ARG A 83 -7.78 -4.34 -14.15
N SER A 84 -7.79 -5.03 -13.01
CA SER A 84 -8.97 -5.21 -12.20
C SER A 84 -8.70 -4.40 -10.94
N TYR A 85 -9.65 -3.56 -10.54
CA TYR A 85 -9.44 -2.73 -9.37
C TYR A 85 -10.31 -3.00 -8.17
N LEU A 86 -9.67 -3.16 -7.01
CA LEU A 86 -10.38 -3.38 -5.76
C LEU A 86 -10.20 -2.09 -4.98
N ASN A 87 -11.30 -1.51 -4.55
CA ASN A 87 -11.26 -0.26 -3.79
C ASN A 87 -12.13 -0.40 -2.56
N MET A 88 -11.53 -0.43 -1.38
CA MET A 88 -12.32 -0.55 -0.18
C MET A 88 -12.05 0.53 0.84
N GLU A 89 -13.11 0.96 1.52
CA GLU A 89 -12.98 1.97 2.56
C GLU A 89 -13.63 1.43 3.80
N LEU A 90 -12.88 1.44 4.89
CA LEU A 90 -13.37 0.94 6.15
C LEU A 90 -13.46 2.10 7.13
N THR A 91 -14.65 2.35 7.67
CA THR A 91 -14.81 3.43 8.63
C THR A 91 -15.06 2.84 10.00
N ILE A 92 -14.18 3.12 10.95
CA ILE A 92 -14.31 2.58 12.30
C ILE A 92 -14.40 3.70 13.33
N PRO A 93 -15.40 3.63 14.23
CA PRO A 93 -15.56 4.65 15.27
C PRO A 93 -14.34 4.65 16.18
N ILE A 94 -14.04 5.78 16.81
CA ILE A 94 -12.87 5.83 17.69
C ILE A 94 -13.09 5.03 18.95
N PHE A 95 -14.35 4.74 19.25
CA PHE A 95 -14.70 4.01 20.46
C PHE A 95 -14.44 2.51 20.37
N ALA A 96 -14.20 2.02 19.16
CA ALA A 96 -13.93 0.62 18.94
C ALA A 96 -12.61 0.21 19.55
N THR A 97 -12.65 -0.79 20.42
CA THR A 97 -11.45 -1.28 21.08
C THR A 97 -10.71 -2.22 20.15
N ASN A 98 -9.65 -2.84 20.64
CA ASN A 98 -8.88 -3.77 19.82
C ASN A 98 -9.68 -5.04 19.55
N SER A 99 -10.36 -5.53 20.58
CA SER A 99 -11.16 -6.73 20.45
C SER A 99 -12.36 -6.45 19.55
N ASP A 100 -12.64 -5.17 19.31
CA ASP A 100 -13.75 -4.80 18.44
C ASP A 100 -13.22 -4.81 17.04
N CYS A 101 -11.99 -4.36 16.90
CA CYS A 101 -11.36 -4.31 15.59
C CYS A 101 -11.02 -5.68 15.11
N GLU A 102 -10.62 -6.56 16.03
CA GLU A 102 -10.28 -7.92 15.65
C GLU A 102 -11.51 -8.56 15.06
N LEU A 103 -12.67 -8.14 15.54
CA LEU A 103 -13.93 -8.68 15.08
C LEU A 103 -14.23 -8.24 13.66
N ILE A 104 -13.79 -7.04 13.29
CA ILE A 104 -14.01 -6.57 11.95
C ILE A 104 -13.15 -7.36 10.98
N VAL A 105 -11.89 -7.58 11.33
CA VAL A 105 -11.01 -8.33 10.46
C VAL A 105 -11.57 -9.71 10.21
N LYS A 106 -12.01 -10.38 11.27
CA LYS A 106 -12.57 -11.71 11.13
C LYS A 106 -13.80 -11.76 10.25
N ALA A 107 -14.56 -10.67 10.22
CA ALA A 107 -15.77 -10.63 9.40
C ALA A 107 -15.35 -10.55 7.94
N MET A 108 -14.34 -9.73 7.66
CA MET A 108 -13.85 -9.58 6.31
C MET A 108 -13.15 -10.81 5.79
N GLN A 109 -12.64 -11.63 6.70
CA GLN A 109 -11.95 -12.84 6.29
C GLN A 109 -12.99 -13.89 5.94
N GLY A 110 -14.05 -13.94 6.74
CA GLY A 110 -15.10 -14.90 6.50
C GLY A 110 -15.92 -14.55 5.28
N LEU A 111 -15.97 -13.27 4.96
CA LEU A 111 -16.74 -12.81 3.81
C LEU A 111 -16.22 -13.44 2.52
N LEU A 112 -14.90 -13.48 2.40
CA LEU A 112 -14.22 -14.00 1.22
C LEU A 112 -13.72 -15.42 1.33
N LYS A 113 -14.12 -16.14 2.37
CA LYS A 113 -13.65 -17.50 2.52
C LYS A 113 -14.15 -18.39 1.39
N ASP A 114 -13.30 -19.29 0.91
CA ASP A 114 -13.68 -20.20 -0.16
C ASP A 114 -15.00 -20.90 0.10
N GLY A 115 -15.82 -20.98 -0.92
CA GLY A 115 -17.09 -21.66 -0.76
C GLY A 115 -18.25 -20.80 -0.29
N ASN A 116 -17.97 -19.65 0.29
CA ASN A 116 -19.06 -18.80 0.72
C ASN A 116 -19.66 -18.06 -0.48
N PRO A 117 -20.91 -17.62 -0.37
CA PRO A 117 -21.60 -16.92 -1.46
C PRO A 117 -20.83 -15.92 -2.32
N ILE A 118 -20.41 -14.80 -1.74
CA ILE A 118 -19.72 -13.78 -2.51
C ILE A 118 -18.50 -14.22 -3.30
N PRO A 119 -17.48 -14.83 -2.67
CA PRO A 119 -16.36 -15.21 -3.52
C PRO A 119 -16.76 -16.27 -4.55
N SER A 120 -17.87 -16.95 -4.30
CA SER A 120 -18.34 -17.98 -5.22
C SER A 120 -18.96 -17.39 -6.47
N ALA A 121 -19.70 -16.30 -6.31
CA ALA A 121 -20.33 -15.64 -7.43
C ALA A 121 -19.28 -14.95 -8.26
N ILE A 122 -18.37 -14.24 -7.59
CA ILE A 122 -17.31 -13.52 -8.27
C ILE A 122 -16.49 -14.43 -9.17
N ALA A 123 -16.08 -15.56 -8.63
CA ALA A 123 -15.25 -16.49 -9.38
C ALA A 123 -15.95 -17.24 -10.50
N ALA A 124 -17.25 -17.05 -10.63
CA ALA A 124 -17.98 -17.75 -11.67
C ALA A 124 -18.68 -16.79 -12.61
N ASN A 125 -18.32 -15.51 -12.50
CA ASN A 125 -18.93 -14.48 -13.34
C ASN A 125 -20.45 -14.47 -13.23
N SER A 126 -20.98 -14.43 -12.01
CA SER A 126 -22.42 -14.39 -11.85
C SER A 126 -22.80 -13.53 -10.68
N GLY A 127 -24.09 -13.36 -10.49
CA GLY A 127 -24.57 -12.57 -9.37
C GLY A 127 -25.05 -13.52 -8.30
N ILE A 128 -25.72 -12.98 -7.30
CA ILE A 128 -26.23 -13.81 -6.22
C ILE A 128 -27.68 -14.18 -6.51
N TYR A 129 -27.97 -15.48 -6.55
CA TYR A 129 -29.32 -15.92 -6.81
C TYR A 129 -29.61 -17.20 -6.05
N ALA B 1 -27.94 -24.38 -8.32
CA ALA B 1 -26.64 -23.73 -7.93
C ALA B 1 -26.84 -22.47 -7.05
N SER B 2 -28.11 -22.19 -6.69
CA SER B 2 -28.45 -21.05 -5.84
C SER B 2 -27.32 -20.83 -4.82
N ASN B 3 -26.63 -19.71 -4.93
CA ASN B 3 -25.54 -19.43 -4.01
C ASN B 3 -25.93 -18.46 -2.91
N PHE B 4 -27.21 -18.10 -2.87
CA PHE B 4 -27.71 -17.17 -1.88
C PHE B 4 -28.16 -17.96 -0.66
N THR B 5 -27.20 -18.31 0.20
CA THR B 5 -27.48 -19.08 1.41
C THR B 5 -26.76 -18.52 2.63
N GLN B 6 -27.17 -18.97 3.81
CA GLN B 6 -26.53 -18.48 5.02
C GLN B 6 -25.10 -18.98 5.13
N PHE B 7 -24.23 -18.20 5.76
CA PHE B 7 -22.85 -18.58 5.93
C PHE B 7 -22.28 -18.00 7.21
N VAL B 8 -21.07 -18.41 7.56
CA VAL B 8 -20.43 -17.94 8.77
C VAL B 8 -19.59 -16.70 8.46
N LEU B 9 -19.97 -15.57 9.05
CA LEU B 9 -19.25 -14.32 8.85
C LEU B 9 -18.09 -14.26 9.82
N VAL B 10 -18.36 -14.49 11.11
CA VAL B 10 -17.28 -14.47 12.09
C VAL B 10 -17.12 -15.88 12.64
N ASP B 11 -15.97 -16.48 12.34
CA ASP B 11 -15.68 -17.83 12.80
C ASP B 11 -14.84 -17.87 14.08
N ASN B 12 -15.45 -18.40 15.14
CA ASN B 12 -14.77 -18.54 16.42
C ASN B 12 -14.64 -20.03 16.78
N GLY B 13 -14.36 -20.84 15.77
CA GLY B 13 -14.22 -22.27 15.98
C GLY B 13 -15.43 -22.86 16.70
N GLY B 14 -16.55 -22.93 15.98
CA GLY B 14 -17.79 -23.51 16.53
C GLY B 14 -18.52 -22.74 17.62
N THR B 15 -17.82 -22.42 18.71
CA THR B 15 -18.43 -21.71 19.82
C THR B 15 -18.33 -20.17 19.72
N GLY B 16 -19.48 -19.51 19.62
CA GLY B 16 -19.50 -18.06 19.51
C GLY B 16 -19.46 -17.58 18.05
N ASP B 17 -19.69 -18.51 17.13
CA ASP B 17 -19.68 -18.21 15.71
C ASP B 17 -20.85 -17.29 15.35
N VAL B 18 -20.62 -16.36 14.43
CA VAL B 18 -21.66 -15.46 14.01
C VAL B 18 -22.12 -15.86 12.63
N THR B 19 -23.37 -16.31 12.55
CA THR B 19 -23.94 -16.71 11.27
C THR B 19 -24.81 -15.60 10.71
N VAL B 20 -24.66 -15.35 9.42
CA VAL B 20 -25.43 -14.32 8.75
C VAL B 20 -26.30 -15.08 7.74
N ALA B 21 -27.58 -14.71 7.62
CA ALA B 21 -28.47 -15.42 6.72
C ALA B 21 -29.29 -14.50 5.83
N PRO B 22 -29.83 -15.02 4.71
CA PRO B 22 -30.63 -14.24 3.76
C PRO B 22 -31.74 -13.47 4.45
N SER B 23 -31.88 -12.20 4.11
CA SER B 23 -32.90 -11.38 4.73
C SER B 23 -33.60 -10.42 3.78
N ASN B 24 -33.13 -10.33 2.54
CA ASN B 24 -33.76 -9.44 1.59
C ASN B 24 -33.17 -9.57 0.20
N PHE B 25 -34.00 -9.40 -0.83
CA PHE B 25 -33.52 -9.50 -2.19
C PHE B 25 -34.16 -8.46 -3.11
N ALA B 26 -34.52 -7.32 -2.53
CA ALA B 26 -35.16 -6.26 -3.30
C ALA B 26 -34.19 -5.49 -4.19
N ASN B 27 -34.48 -5.50 -5.50
CA ASN B 27 -33.67 -4.80 -6.50
C ASN B 27 -32.40 -5.51 -6.88
N GLY B 28 -32.40 -6.83 -6.72
CA GLY B 28 -31.23 -7.60 -7.06
C GLY B 28 -30.09 -7.37 -6.09
N VAL B 29 -30.37 -6.63 -5.01
CA VAL B 29 -29.35 -6.39 -4.00
C VAL B 29 -29.59 -7.39 -2.88
N ALA B 30 -28.82 -8.46 -2.88
CA ALA B 30 -28.95 -9.50 -1.88
C ALA B 30 -28.49 -9.01 -0.52
N GLU B 31 -29.24 -9.36 0.53
CA GLU B 31 -28.90 -8.95 1.88
C GLU B 31 -28.89 -10.11 2.86
N TRP B 32 -27.87 -10.13 3.71
CA TRP B 32 -27.71 -11.16 4.72
C TRP B 32 -27.58 -10.43 6.06
N ILE B 33 -28.30 -10.85 7.09
CA ILE B 33 -28.13 -10.22 8.40
C ILE B 33 -28.14 -11.25 9.50
N SER B 34 -27.50 -10.92 10.62
CA SER B 34 -27.43 -11.82 11.75
C SER B 34 -28.72 -11.76 12.55
N SER B 35 -28.84 -12.67 13.51
CA SER B 35 -30.03 -12.76 14.35
C SER B 35 -30.02 -11.74 15.48
N ASN B 36 -30.11 -10.46 15.11
CA ASN B 36 -30.10 -9.37 16.09
C ASN B 36 -31.08 -8.30 15.66
N SER B 37 -31.22 -7.27 16.49
CA SER B 37 -32.08 -6.15 16.17
C SER B 37 -31.31 -5.54 15.02
N ARG B 38 -31.96 -4.84 14.11
CA ARG B 38 -31.19 -4.30 13.00
C ARG B 38 -30.19 -3.26 13.39
N SER B 39 -30.31 -2.71 14.59
CA SER B 39 -29.39 -1.69 15.04
C SER B 39 -28.07 -2.28 15.51
N GLN B 40 -28.07 -3.58 15.84
CA GLN B 40 -26.87 -4.25 16.32
C GLN B 40 -26.47 -5.47 15.51
N ALA B 41 -27.07 -5.65 14.34
CA ALA B 41 -26.80 -6.81 13.53
C ALA B 41 -25.61 -6.66 12.62
N TYR B 42 -25.07 -7.78 12.18
CA TYR B 42 -23.98 -7.79 11.21
C TYR B 42 -24.80 -7.80 9.95
N LYS B 43 -24.45 -6.97 8.98
CA LYS B 43 -25.21 -6.95 7.75
C LYS B 43 -24.27 -7.06 6.57
N VAL B 44 -24.71 -7.72 5.50
CA VAL B 44 -23.89 -7.87 4.31
C VAL B 44 -24.79 -7.70 3.10
N THR B 45 -24.40 -6.84 2.17
CA THR B 45 -25.18 -6.64 0.94
C THR B 45 -24.22 -6.76 -0.23
N CYS B 46 -24.72 -7.22 -1.37
CA CYS B 46 -23.88 -7.40 -2.54
C CYS B 46 -24.65 -7.34 -3.84
N SER B 47 -24.10 -6.66 -4.84
CA SER B 47 -24.77 -6.55 -6.13
C SER B 47 -23.74 -6.43 -7.26
N VAL B 48 -24.17 -6.69 -8.49
CA VAL B 48 -23.29 -6.60 -9.66
C VAL B 48 -23.99 -5.83 -10.76
N ARG B 49 -23.22 -5.08 -11.54
CA ARG B 49 -23.81 -4.32 -12.63
C ARG B 49 -22.73 -4.05 -13.67
N GLN B 50 -23.16 -3.70 -14.87
CA GLN B 50 -22.23 -3.38 -15.95
C GLN B 50 -21.96 -1.89 -15.75
N SER B 51 -20.93 -1.56 -15.01
CA SER B 51 -20.61 -0.16 -14.74
C SER B 51 -20.48 0.67 -16.03
N SER B 52 -19.63 0.19 -16.93
CA SER B 52 -19.44 0.87 -18.19
C SER B 52 -19.43 -0.23 -19.23
N ALA B 53 -19.25 0.15 -20.49
CA ALA B 53 -19.25 -0.81 -21.58
C ALA B 53 -18.06 -1.77 -21.52
N GLN B 54 -17.00 -1.35 -20.85
CA GLN B 54 -15.81 -2.18 -20.76
C GLN B 54 -15.72 -2.96 -19.43
N ASN B 55 -16.46 -2.51 -18.41
CA ASN B 55 -16.41 -3.14 -17.08
C ASN B 55 -17.71 -3.59 -16.43
N ARG B 56 -17.53 -4.41 -15.39
CA ARG B 56 -18.60 -4.93 -14.56
C ARG B 56 -18.13 -4.54 -13.19
N LYS B 57 -19.04 -4.41 -12.25
CA LYS B 57 -18.61 -3.98 -10.94
C LYS B 57 -19.44 -4.50 -9.79
N TYR B 58 -18.77 -5.17 -8.85
CA TYR B 58 -19.42 -5.71 -7.66
C TYR B 58 -19.34 -4.67 -6.56
N THR B 59 -20.44 -4.44 -5.86
CA THR B 59 -20.45 -3.48 -4.78
C THR B 59 -20.88 -4.27 -3.55
N ILE B 60 -19.92 -4.54 -2.68
CA ILE B 60 -20.15 -5.30 -1.46
C ILE B 60 -20.08 -4.37 -0.27
N LYS B 61 -21.02 -4.51 0.64
CA LYS B 61 -21.04 -3.67 1.83
C LYS B 61 -21.21 -4.51 3.08
N VAL B 62 -20.40 -4.24 4.09
CA VAL B 62 -20.48 -4.97 5.35
C VAL B 62 -20.61 -3.97 6.49
N GLU B 63 -21.51 -4.23 7.43
CA GLU B 63 -21.72 -3.38 8.60
C GLU B 63 -21.40 -4.25 9.79
N VAL B 64 -20.45 -3.85 10.63
CA VAL B 64 -20.07 -4.64 11.79
C VAL B 64 -20.28 -3.83 13.07
N PRO B 65 -20.96 -4.41 14.08
CA PRO B 65 -21.19 -3.67 15.32
C PRO B 65 -20.05 -3.62 16.32
N LYS B 66 -20.10 -2.66 17.23
CA LYS B 66 -19.11 -2.53 18.28
C LYS B 66 -19.74 -3.37 19.37
N VAL B 67 -18.98 -4.31 19.93
CA VAL B 67 -19.53 -5.17 20.94
C VAL B 67 -19.12 -4.83 22.37
N ALA B 68 -17.90 -4.37 22.57
CA ALA B 68 -17.43 -4.05 23.90
C ALA B 68 -18.37 -3.08 24.60
N THR B 69 -18.98 -3.55 25.69
CA THR B 69 -19.91 -2.76 26.50
C THR B 69 -21.28 -2.62 25.83
N GLN B 70 -21.51 -3.45 24.82
CA GLN B 70 -22.76 -3.44 24.10
C GLN B 70 -23.85 -3.87 25.07
N THR B 71 -25.06 -3.37 24.90
CA THR B 71 -26.18 -3.77 25.76
C THR B 71 -27.18 -4.46 24.83
N VAL B 72 -27.12 -5.78 24.81
CA VAL B 72 -27.97 -6.57 23.93
C VAL B 72 -29.45 -6.22 23.90
N GLY B 73 -29.88 -5.67 22.78
CA GLY B 73 -31.28 -5.32 22.61
C GLY B 73 -31.57 -3.88 22.94
N GLY B 74 -30.68 -3.26 23.69
CA GLY B 74 -30.89 -1.88 24.10
C GLY B 74 -30.79 -0.83 23.01
N VAL B 75 -31.13 0.39 23.36
CA VAL B 75 -31.08 1.51 22.43
C VAL B 75 -29.78 2.25 22.64
N GLU B 76 -28.88 2.18 21.66
CA GLU B 76 -27.58 2.84 21.78
C GLU B 76 -27.36 3.98 20.78
N LEU B 77 -27.31 5.20 21.28
CA LEU B 77 -27.06 6.38 20.45
C LEU B 77 -25.79 7.07 20.94
N PRO B 78 -25.09 7.78 20.05
CA PRO B 78 -25.39 8.00 18.63
C PRO B 78 -25.08 6.72 17.89
N VAL B 79 -25.75 6.47 16.77
CA VAL B 79 -25.52 5.23 16.06
C VAL B 79 -24.13 5.11 15.46
N ALA B 80 -23.60 6.22 15.01
CA ALA B 80 -22.26 6.22 14.39
C ALA B 80 -21.14 5.85 15.34
N ALA B 81 -21.45 5.75 16.61
CA ALA B 81 -20.44 5.41 17.60
C ALA B 81 -20.41 3.92 17.84
N TRP B 82 -21.46 3.25 17.42
CA TRP B 82 -21.55 1.82 17.63
C TRP B 82 -21.51 0.96 16.38
N ARG B 83 -21.05 1.51 15.26
CA ARG B 83 -20.99 0.71 14.04
C ARG B 83 -19.83 1.08 13.14
N SER B 84 -19.21 0.05 12.55
CA SER B 84 -18.10 0.24 11.62
C SER B 84 -18.67 -0.15 10.27
N TYR B 85 -18.29 0.57 9.23
CA TYR B 85 -18.80 0.26 7.90
C TYR B 85 -17.71 -0.11 6.91
N LEU B 86 -17.90 -1.23 6.23
CA LEU B 86 -16.97 -1.68 5.21
C LEU B 86 -17.64 -1.35 3.90
N ASN B 87 -16.85 -1.09 2.87
CA ASN B 87 -17.43 -0.72 1.60
C ASN B 87 -16.48 -1.06 0.46
N MET B 88 -16.71 -2.21 -0.18
CA MET B 88 -15.87 -2.66 -1.27
C MET B 88 -16.47 -2.49 -2.64
N GLU B 89 -15.62 -2.21 -3.62
CA GLU B 89 -16.07 -2.08 -5.00
C GLU B 89 -15.02 -2.78 -5.84
N LEU B 90 -15.41 -3.88 -6.45
CA LEU B 90 -14.52 -4.67 -7.29
C LEU B 90 -14.89 -4.45 -8.73
N THR B 91 -13.95 -3.92 -9.50
CA THR B 91 -14.16 -3.66 -10.92
C THR B 91 -13.44 -4.73 -11.71
N ILE B 92 -14.16 -5.39 -12.63
CA ILE B 92 -13.54 -6.45 -13.41
C ILE B 92 -13.89 -6.32 -14.89
N PRO B 93 -12.88 -6.09 -15.73
CA PRO B 93 -13.04 -5.94 -17.19
C PRO B 93 -13.84 -7.08 -17.79
N ILE B 94 -14.58 -6.81 -18.86
CA ILE B 94 -15.38 -7.87 -19.46
C ILE B 94 -14.56 -9.02 -20.04
N PHE B 95 -13.27 -8.80 -20.22
CA PHE B 95 -12.43 -9.86 -20.81
C PHE B 95 -11.94 -10.90 -19.79
N ALA B 96 -12.20 -10.65 -18.51
CA ALA B 96 -11.77 -11.56 -17.47
C ALA B 96 -12.52 -12.86 -17.52
N THR B 97 -11.79 -13.97 -17.52
CA THR B 97 -12.43 -15.27 -17.55
C THR B 97 -12.64 -15.77 -16.13
N ASN B 98 -13.26 -16.94 -16.00
CA ASN B 98 -13.51 -17.49 -14.69
C ASN B 98 -12.18 -17.66 -13.98
N SER B 99 -11.20 -18.19 -14.70
CA SER B 99 -9.88 -18.39 -14.14
C SER B 99 -9.28 -17.07 -13.71
N ASP B 100 -9.45 -16.03 -14.52
CA ASP B 100 -8.92 -14.73 -14.16
C ASP B 100 -9.58 -14.27 -12.87
N CYS B 101 -10.88 -14.48 -12.77
CA CYS B 101 -11.61 -14.07 -11.59
C CYS B 101 -11.21 -14.85 -10.36
N GLU B 102 -10.84 -16.10 -10.53
CA GLU B 102 -10.43 -16.88 -9.37
C GLU B 102 -9.19 -16.25 -8.78
N LEU B 103 -8.30 -15.76 -9.64
CA LEU B 103 -7.06 -15.16 -9.19
C LEU B 103 -7.33 -13.86 -8.45
N ILE B 104 -8.37 -13.15 -8.87
CA ILE B 104 -8.75 -11.87 -8.24
C ILE B 104 -9.33 -12.14 -6.86
N VAL B 105 -9.92 -13.31 -6.68
CA VAL B 105 -10.48 -13.64 -5.39
C VAL B 105 -9.34 -14.03 -4.47
N LYS B 106 -8.37 -14.76 -5.00
CA LYS B 106 -7.21 -15.16 -4.21
C LYS B 106 -6.45 -13.93 -3.75
N ALA B 107 -6.38 -12.92 -4.61
CA ALA B 107 -5.69 -11.69 -4.28
C ALA B 107 -6.38 -11.05 -3.10
N MET B 108 -7.71 -11.05 -3.10
CA MET B 108 -8.43 -10.46 -1.99
C MET B 108 -8.30 -11.29 -0.73
N GLN B 109 -8.21 -12.60 -0.88
CA GLN B 109 -8.10 -13.45 0.29
C GLN B 109 -6.75 -13.19 0.96
N GLY B 110 -5.71 -13.10 0.14
CA GLY B 110 -4.38 -12.85 0.65
C GLY B 110 -4.24 -11.51 1.33
N LEU B 111 -4.86 -10.50 0.75
CA LEU B 111 -4.80 -9.16 1.31
C LEU B 111 -5.13 -9.19 2.80
N LEU B 112 -6.21 -9.90 3.14
CA LEU B 112 -6.71 -9.99 4.51
C LEU B 112 -6.28 -11.17 5.34
N LYS B 113 -5.41 -12.03 4.82
CA LYS B 113 -4.97 -13.19 5.59
C LYS B 113 -4.30 -12.82 6.90
N ASP B 114 -4.51 -13.64 7.91
CA ASP B 114 -3.94 -13.43 9.24
C ASP B 114 -2.45 -13.21 9.23
N GLY B 115 -2.01 -12.23 10.00
CA GLY B 115 -0.59 -11.95 10.08
C GLY B 115 -0.03 -11.02 9.03
N ASN B 116 -0.82 -10.70 8.00
CA ASN B 116 -0.33 -9.79 6.97
C ASN B 116 -0.48 -8.37 7.47
N PRO B 117 0.25 -7.42 6.88
CA PRO B 117 0.18 -6.03 7.31
C PRO B 117 -1.21 -5.45 7.54
N ILE B 118 -1.95 -5.20 6.47
CA ILE B 118 -3.28 -4.62 6.56
C ILE B 118 -4.18 -5.16 7.67
N PRO B 119 -4.52 -6.45 7.65
CA PRO B 119 -5.38 -6.94 8.72
C PRO B 119 -4.74 -6.83 10.09
N SER B 120 -3.42 -6.72 10.13
CA SER B 120 -2.72 -6.60 11.42
C SER B 120 -2.80 -5.17 11.92
N ALA B 121 -2.67 -4.22 11.00
CA ALA B 121 -2.73 -2.82 11.36
C ALA B 121 -4.12 -2.52 11.86
N ILE B 122 -5.14 -2.94 11.11
CA ILE B 122 -6.54 -2.71 11.48
C ILE B 122 -6.88 -3.27 12.86
N ALA B 123 -6.55 -4.52 13.08
CA ALA B 123 -6.86 -5.18 14.34
C ALA B 123 -6.15 -4.60 15.56
N ALA B 124 -5.36 -3.55 15.35
CA ALA B 124 -4.63 -2.94 16.46
C ALA B 124 -4.75 -1.42 16.52
N ASN B 125 -5.73 -0.87 15.81
CA ASN B 125 -5.95 0.57 15.77
C ASN B 125 -4.71 1.30 15.29
N SER B 126 -3.92 0.65 14.45
CA SER B 126 -2.70 1.24 13.92
C SER B 126 -2.76 1.52 12.44
N GLY B 127 -1.70 2.15 11.95
CA GLY B 127 -1.60 2.44 10.54
C GLY B 127 -0.39 1.66 10.12
N ILE B 128 0.27 2.09 9.05
CA ILE B 128 1.47 1.39 8.59
C ILE B 128 2.68 2.14 9.14
N TYR B 129 3.69 1.41 9.62
CA TYR B 129 4.86 2.06 10.18
C TYR B 129 6.11 1.19 10.15
N ALA C 1 10.13 -3.67 7.81
CA ALA C 1 10.89 -3.18 6.61
C ALA C 1 10.92 -1.64 6.47
N SER C 2 12.03 -1.12 5.95
CA SER C 2 12.20 0.31 5.76
C SER C 2 13.59 0.62 5.23
N ASN C 3 13.67 1.56 4.29
CA ASN C 3 14.95 1.94 3.75
C ASN C 3 15.21 3.39 4.09
N PHE C 4 14.28 4.00 4.83
CA PHE C 4 14.45 5.38 5.23
C PHE C 4 15.24 5.31 6.52
N THR C 5 16.51 4.92 6.40
CA THR C 5 17.38 4.79 7.56
C THR C 5 18.69 5.51 7.47
N GLN C 6 19.44 5.40 8.56
CA GLN C 6 20.75 5.99 8.72
C GLN C 6 21.76 5.25 7.84
N PHE C 7 22.68 5.97 7.21
CA PHE C 7 23.69 5.33 6.38
C PHE C 7 24.97 6.16 6.25
N VAL C 8 26.05 5.52 5.81
CA VAL C 8 27.33 6.21 5.65
C VAL C 8 27.48 6.94 4.31
N LEU C 9 27.51 8.27 4.38
CA LEU C 9 27.64 9.09 3.18
C LEU C 9 29.10 9.17 2.78
N VAL C 10 29.98 9.46 3.73
CA VAL C 10 31.40 9.52 3.42
C VAL C 10 32.07 8.42 4.22
N ASP C 11 32.85 7.59 3.54
CA ASP C 11 33.53 6.52 4.24
C ASP C 11 35.03 6.78 4.45
N ASN C 12 35.40 7.02 5.71
CA ASN C 12 36.80 7.26 6.06
C ASN C 12 37.31 6.08 6.88
N GLY C 13 37.14 4.89 6.31
CA GLY C 13 37.55 3.68 6.99
C GLY C 13 36.53 3.32 8.06
N GLY C 14 36.81 3.73 9.29
CA GLY C 14 35.87 3.46 10.38
C GLY C 14 35.91 4.61 11.36
N THR C 15 36.70 5.62 11.02
CA THR C 15 36.89 6.79 11.87
C THR C 15 36.99 8.11 11.07
N GLY C 16 35.94 8.91 11.19
CA GLY C 16 35.87 10.18 10.45
C GLY C 16 34.74 10.01 9.44
N ASP C 17 34.12 8.82 9.52
CA ASP C 17 33.00 8.45 8.66
C ASP C 17 31.88 9.43 8.89
N VAL C 18 31.35 9.98 7.80
CA VAL C 18 30.25 10.91 7.89
C VAL C 18 28.98 10.10 7.76
N THR C 19 28.18 10.11 8.80
CA THR C 19 26.93 9.38 8.81
C THR C 19 25.77 10.35 8.70
N VAL C 20 24.79 9.98 7.89
CA VAL C 20 23.64 10.81 7.69
C VAL C 20 22.45 10.00 8.22
N ALA C 21 21.54 10.63 8.95
CA ALA C 21 20.39 9.93 9.49
C ALA C 21 19.09 10.59 9.08
N PRO C 22 17.98 9.84 9.07
CA PRO C 22 16.68 10.41 8.68
C PRO C 22 16.38 11.63 9.51
N SER C 23 15.61 12.56 8.97
CA SER C 23 15.27 13.76 9.72
C SER C 23 13.85 14.18 9.46
N ASN C 24 13.39 14.00 8.24
CA ASN C 24 12.06 14.41 7.91
C ASN C 24 11.63 13.80 6.61
N PHE C 25 10.34 13.52 6.48
CA PHE C 25 9.81 12.93 5.26
C PHE C 25 8.46 13.55 4.99
N ALA C 26 8.46 14.82 4.64
CA ALA C 26 7.22 15.53 4.36
C ALA C 26 7.03 15.86 2.88
N ASN C 27 5.81 15.69 2.40
CA ASN C 27 5.48 15.99 1.00
C ASN C 27 6.17 15.09 -0.03
N GLY C 28 6.51 13.87 0.38
CA GLY C 28 7.16 12.98 -0.57
C GLY C 28 8.63 13.30 -0.78
N VAL C 29 9.23 14.02 0.15
CA VAL C 29 10.63 14.36 0.06
C VAL C 29 11.38 13.84 1.28
N ALA C 30 12.06 12.72 1.11
CA ALA C 30 12.82 12.13 2.20
C ALA C 30 14.07 12.97 2.43
N GLU C 31 14.42 13.22 3.68
CA GLU C 31 15.59 14.02 3.99
C GLU C 31 16.45 13.42 5.07
N TRP C 32 17.75 13.40 4.83
CA TRP C 32 18.74 12.88 5.76
C TRP C 32 19.68 14.02 6.12
N ILE C 33 20.14 14.06 7.37
CA ILE C 33 21.05 15.10 7.84
C ILE C 33 22.12 14.49 8.75
N SER C 34 23.34 15.00 8.72
CA SER C 34 24.37 14.46 9.60
C SER C 34 24.14 15.07 10.99
N SER C 35 24.90 14.61 11.99
CA SER C 35 24.71 15.13 13.34
C SER C 35 25.39 16.47 13.62
N ASN C 36 25.08 17.04 14.77
CA ASN C 36 25.60 18.35 15.21
C ASN C 36 24.95 19.49 14.42
N SER C 37 25.34 20.70 14.77
CA SER C 37 24.80 21.92 14.17
C SER C 37 24.28 21.75 12.74
N ARG C 38 22.98 21.99 12.57
CA ARG C 38 22.35 21.89 11.27
C ARG C 38 23.11 22.78 10.31
N SER C 39 23.72 23.84 10.84
CA SER C 39 24.47 24.79 10.03
C SER C 39 25.72 24.21 9.37
N GLN C 40 26.27 23.13 9.93
CA GLN C 40 27.46 22.52 9.34
C GLN C 40 27.19 21.09 8.92
N ALA C 41 25.92 20.75 8.72
CA ALA C 41 25.55 19.39 8.38
C ALA C 41 25.53 19.01 6.93
N TYR C 42 25.74 17.72 6.67
CA TYR C 42 25.66 17.19 5.32
C TYR C 42 24.17 16.98 5.16
N LYS C 43 23.69 17.02 3.93
CA LYS C 43 22.27 16.87 3.71
C LYS C 43 21.99 16.09 2.45
N VAL C 44 21.06 15.14 2.52
CA VAL C 44 20.69 14.34 1.38
C VAL C 44 19.17 14.30 1.28
N THR C 45 18.62 14.55 0.10
CA THR C 45 17.18 14.50 -0.09
C THR C 45 16.91 13.66 -1.31
N CYS C 46 15.76 13.00 -1.33
CA CYS C 46 15.39 12.15 -2.44
C CYS C 46 13.88 12.05 -2.57
N SER C 47 13.39 11.94 -3.80
CA SER C 47 11.96 11.82 -4.01
C SER C 47 11.69 11.22 -5.39
N VAL C 48 10.52 10.60 -5.55
CA VAL C 48 10.15 9.99 -6.82
C VAL C 48 8.74 10.38 -7.18
N ARG C 49 8.52 10.70 -8.45
CA ARG C 49 7.21 11.09 -8.93
C ARG C 49 6.98 10.57 -10.35
N GLN C 50 5.72 10.48 -10.74
CA GLN C 50 5.34 10.03 -12.07
C GLN C 50 5.43 11.27 -12.95
N SER C 51 6.61 11.53 -13.50
CA SER C 51 6.86 12.70 -14.33
C SER C 51 5.91 12.81 -15.54
N SER C 52 5.76 11.72 -16.26
CA SER C 52 4.86 11.74 -17.41
C SER C 52 4.13 10.42 -17.31
N ALA C 53 3.37 10.08 -18.35
CA ALA C 53 2.61 8.84 -18.36
C ALA C 53 3.51 7.62 -18.36
N GLN C 54 4.58 7.67 -19.14
CA GLN C 54 5.49 6.55 -19.26
C GLN C 54 6.73 6.68 -18.39
N ASN C 55 6.88 7.81 -17.70
CA ASN C 55 8.06 7.99 -16.89
C ASN C 55 7.91 8.29 -15.43
N ARG C 56 8.84 7.75 -14.66
CA ARG C 56 8.92 7.98 -13.24
C ARG C 56 10.23 8.73 -13.14
N LYS C 57 10.35 9.66 -12.22
CA LYS C 57 11.56 10.45 -12.15
C LYS C 57 12.08 10.72 -10.74
N TYR C 58 13.31 10.29 -10.47
CA TYR C 58 13.92 10.51 -9.16
C TYR C 58 14.67 11.83 -9.17
N THR C 59 14.63 12.54 -8.05
CA THR C 59 15.33 13.80 -7.93
C THR C 59 16.12 13.71 -6.63
N ILE C 60 17.44 13.58 -6.75
CA ILE C 60 18.32 13.45 -5.58
C ILE C 60 19.22 14.68 -5.38
N LYS C 61 19.45 15.06 -4.13
CA LYS C 61 20.31 16.22 -3.83
C LYS C 61 21.22 15.96 -2.66
N VAL C 62 22.47 16.40 -2.80
CA VAL C 62 23.46 16.22 -1.76
C VAL C 62 24.13 17.55 -1.51
N GLU C 63 24.48 17.81 -0.27
CA GLU C 63 25.15 19.05 0.09
C GLU C 63 26.37 18.71 0.94
N VAL C 64 27.54 19.18 0.51
CA VAL C 64 28.77 18.95 1.26
C VAL C 64 29.21 20.30 1.78
N PRO C 65 29.31 20.47 3.10
CA PRO C 65 29.72 21.76 3.63
C PRO C 65 31.19 21.85 3.98
N LYS C 66 31.68 23.08 4.00
CA LYS C 66 33.05 23.33 4.37
C LYS C 66 32.91 23.86 5.79
N VAL C 67 33.18 22.98 6.75
CA VAL C 67 33.05 23.33 8.15
C VAL C 67 34.02 24.42 8.59
N ALA C 68 33.47 25.51 9.12
CA ALA C 68 34.29 26.61 9.59
C ALA C 68 33.59 27.40 10.71
N THR C 69 34.36 28.20 11.44
CA THR C 69 33.84 29.00 12.55
C THR C 69 33.73 30.47 12.16
N GLN C 70 32.55 31.06 12.33
CA GLN C 70 32.40 32.47 11.97
C GLN C 70 32.43 33.37 13.18
N THR C 71 33.39 34.28 13.25
CA THR C 71 33.49 35.21 14.39
C THR C 71 32.96 36.59 14.04
N VAL C 72 32.08 37.11 14.88
CA VAL C 72 31.50 38.43 14.65
C VAL C 72 31.30 39.19 15.96
N GLY C 73 32.07 40.25 16.11
CA GLY C 73 31.98 41.05 17.32
C GLY C 73 32.48 40.20 18.48
N GLY C 74 33.25 39.17 18.16
CA GLY C 74 33.76 38.31 19.21
C GLY C 74 32.76 37.22 19.58
N VAL C 75 31.77 37.03 18.73
CA VAL C 75 30.76 36.01 18.96
C VAL C 75 31.01 34.96 17.89
N GLU C 76 31.48 33.78 18.28
CA GLU C 76 31.73 32.76 17.28
C GLU C 76 30.63 31.69 17.16
N LEU C 77 30.21 31.45 15.92
CA LEU C 77 29.16 30.50 15.59
C LEU C 77 29.68 29.43 14.63
N PRO C 78 29.12 28.21 14.71
CA PRO C 78 29.54 27.14 13.82
C PRO C 78 28.75 27.37 12.56
N VAL C 79 29.44 27.57 11.45
CA VAL C 79 28.78 27.82 10.18
C VAL C 79 29.44 26.98 9.10
N ALA C 80 29.07 27.26 7.86
CA ALA C 80 29.65 26.56 6.73
C ALA C 80 30.23 27.66 5.85
N ALA C 81 31.55 27.68 5.72
CA ALA C 81 32.21 28.68 4.91
C ALA C 81 31.54 28.73 3.55
N TRP C 82 31.26 27.56 2.99
CA TRP C 82 30.57 27.43 1.71
C TRP C 82 30.01 26.02 1.58
N ARG C 83 29.30 25.76 0.50
CA ARG C 83 28.73 24.44 0.29
C ARG C 83 28.83 24.02 -1.17
N SER C 84 28.99 22.72 -1.36
CA SER C 84 29.07 22.12 -2.68
C SER C 84 27.74 21.45 -2.94
N TYR C 85 27.13 21.70 -4.10
CA TYR C 85 25.81 21.13 -4.38
C TYR C 85 25.70 20.09 -5.49
N LEU C 86 25.38 18.86 -5.11
CA LEU C 86 25.18 17.79 -6.07
C LEU C 86 23.70 17.86 -6.40
N ASN C 87 23.33 17.58 -7.65
CA ASN C 87 21.93 17.70 -8.00
C ASN C 87 21.51 16.86 -9.19
N MET C 88 21.13 15.61 -8.95
CA MET C 88 20.76 14.72 -10.04
C MET C 88 19.29 14.36 -10.21
N GLU C 89 18.93 14.06 -11.45
CA GLU C 89 17.58 13.65 -11.81
C GLU C 89 17.69 12.42 -12.67
N LEU C 90 17.09 11.32 -12.24
CA LEU C 90 17.16 10.09 -12.99
C LEU C 90 15.78 9.74 -13.52
N THR C 91 15.66 9.54 -14.83
CA THR C 91 14.38 9.20 -15.44
C THR C 91 14.36 7.76 -15.88
N ILE C 92 13.33 7.02 -15.49
CA ILE C 92 13.19 5.61 -15.87
C ILE C 92 11.77 5.31 -16.35
N PRO C 93 11.64 4.74 -17.55
CA PRO C 93 10.36 4.38 -18.16
C PRO C 93 9.67 3.33 -17.30
N ILE C 94 8.35 3.23 -17.40
CA ILE C 94 7.63 2.25 -16.59
C ILE C 94 7.80 0.83 -17.09
N PHE C 95 8.48 0.65 -18.21
CA PHE C 95 8.69 -0.67 -18.76
C PHE C 95 9.95 -1.34 -18.24
N ALA C 96 10.68 -0.63 -17.38
CA ALA C 96 11.92 -1.17 -16.85
C ALA C 96 11.60 -2.16 -15.76
N THR C 97 12.24 -3.32 -15.83
CA THR C 97 12.02 -4.34 -14.81
C THR C 97 13.07 -4.15 -13.75
N ASN C 98 13.00 -4.94 -12.68
CA ASN C 98 13.99 -4.82 -11.62
C ASN C 98 15.39 -5.08 -12.16
N SER C 99 15.48 -5.93 -13.17
CA SER C 99 16.77 -6.23 -13.77
C SER C 99 17.30 -5.04 -14.49
N ASP C 100 16.40 -4.28 -15.14
CA ASP C 100 16.82 -3.11 -15.88
C ASP C 100 17.30 -2.00 -14.97
N CYS C 101 16.71 -1.92 -13.78
CA CYS C 101 17.09 -0.91 -12.83
C CYS C 101 18.42 -1.26 -12.22
N GLU C 102 18.61 -2.54 -11.95
CA GLU C 102 19.88 -2.98 -11.38
C GLU C 102 21.02 -2.56 -12.26
N LEU C 103 20.76 -2.51 -13.55
CA LEU C 103 21.77 -2.12 -14.53
C LEU C 103 21.99 -0.61 -14.45
N ILE C 104 20.88 0.12 -14.48
CA ILE C 104 20.93 1.56 -14.40
C ILE C 104 21.71 1.98 -13.17
N VAL C 105 21.64 1.19 -12.11
CA VAL C 105 22.37 1.52 -10.90
C VAL C 105 23.85 1.19 -11.08
N LYS C 106 24.14 0.03 -11.66
CA LYS C 106 25.54 -0.32 -11.89
C LYS C 106 26.20 0.70 -12.79
N ALA C 107 25.41 1.37 -13.62
CA ALA C 107 25.94 2.37 -14.53
C ALA C 107 26.36 3.56 -13.70
N MET C 108 25.52 3.98 -12.77
CA MET C 108 25.85 5.12 -11.94
C MET C 108 27.02 4.85 -11.02
N GLN C 109 27.16 3.62 -10.57
CA GLN C 109 28.26 3.28 -9.67
C GLN C 109 29.56 3.29 -10.46
N GLY C 110 29.50 2.81 -11.71
CA GLY C 110 30.68 2.79 -12.53
C GLY C 110 31.12 4.19 -12.92
N LEU C 111 30.16 5.04 -13.26
CA LEU C 111 30.46 6.41 -13.65
C LEU C 111 31.41 7.07 -12.66
N LEU C 112 31.14 6.87 -11.37
CA LEU C 112 31.93 7.47 -10.30
C LEU C 112 33.01 6.60 -9.67
N LYS C 113 33.17 5.38 -10.14
CA LYS C 113 34.18 4.50 -9.56
C LYS C 113 35.58 5.13 -9.58
N ASP C 114 36.35 4.88 -8.53
CA ASP C 114 37.69 5.44 -8.44
C ASP C 114 38.57 5.13 -9.65
N GLY C 115 39.27 6.15 -10.13
CA GLY C 115 40.15 5.94 -11.26
C GLY C 115 39.57 6.23 -12.62
N ASN C 116 38.24 6.21 -12.73
CA ASN C 116 37.63 6.50 -14.01
C ASN C 116 37.69 8.00 -14.25
N PRO C 117 37.59 8.43 -15.52
CA PRO C 117 37.64 9.83 -15.93
C PRO C 117 36.92 10.87 -15.07
N ILE C 118 35.60 10.81 -15.03
CA ILE C 118 34.87 11.83 -14.28
C ILE C 118 35.17 12.03 -12.80
N PRO C 119 35.21 10.97 -11.99
CA PRO C 119 35.52 11.26 -10.59
C PRO C 119 36.95 11.72 -10.43
N SER C 120 37.83 11.29 -11.32
CA SER C 120 39.22 11.68 -11.25
C SER C 120 39.40 13.15 -11.56
N ALA C 121 38.61 13.65 -12.51
CA ALA C 121 38.68 15.05 -12.89
C ALA C 121 38.15 15.92 -11.77
N ILE C 122 36.99 15.56 -11.23
CA ILE C 122 36.38 16.32 -10.15
C ILE C 122 37.30 16.43 -8.95
N ALA C 123 37.91 15.31 -8.55
CA ALA C 123 38.79 15.30 -7.39
C ALA C 123 40.09 16.06 -7.60
N ALA C 124 40.21 16.76 -8.72
CA ALA C 124 41.44 17.50 -8.98
C ALA C 124 41.16 18.88 -9.58
N ASN C 125 39.99 19.42 -9.30
CA ASN C 125 39.62 20.73 -9.81
C ASN C 125 39.87 20.77 -11.32
N SER C 126 39.76 19.63 -11.98
CA SER C 126 40.02 19.61 -13.40
C SER C 126 38.82 19.27 -14.27
N GLY C 127 39.02 19.38 -15.57
CA GLY C 127 37.99 19.08 -16.53
C GLY C 127 38.49 17.89 -17.32
N ILE C 128 37.96 17.68 -18.52
CA ILE C 128 38.41 16.55 -19.31
C ILE C 128 39.53 17.04 -20.22
N TYR C 129 40.46 16.15 -20.57
CA TYR C 129 41.57 16.54 -21.44
C TYR C 129 42.29 15.29 -21.91
#